data_2YHC
#
_entry.id   2YHC
#
_cell.length_a   53.112
_cell.length_b   33.428
_cell.length_c   57.783
_cell.angle_alpha   90.00
_cell.angle_beta   111.41
_cell.angle_gamma   90.00
#
_symmetry.space_group_name_H-M   'P 1 21 1'
#
loop_
_entity.id
_entity.type
_entity.pdbx_description
1 polymer 'UPF0169 LIPOPROTEIN YFIO'
2 non-polymer UREA
3 water water
#
_entity_poly.entity_id   1
_entity_poly.type   'polypeptide(L)'
_entity_poly.pdbx_seq_one_letter_code
;DNPPNEIYATAQQKLQDGNWRQAITQLEALDNRYPFGPYSQQVQLDLIYAYYKNADLPLAQAAIDRFIRLNPTHPNIDYV
MYMRGLTNMALDDSALQGFFGVDRSDRDPQQARAAFSDFSKLVRGYPNSQYTTDATKRLVFLKDRLAKYEYSVAEYYTER
GAWVAVVNRVEGMLRDYPDTQATRDALPLMENAYRQMQMNAQAEKVAKIIAANSSNTLEHHHHHH
;
_entity_poly.pdbx_strand_id   A
#
loop_
_chem_comp.id
_chem_comp.type
_chem_comp.name
_chem_comp.formula
URE non-polymer UREA 'C H4 N2 O'
#
# COMPACT_ATOMS: atom_id res chain seq x y z
N PRO A 3 30.59 -4.10 -22.80
CA PRO A 3 30.64 -2.66 -23.09
C PRO A 3 29.48 -1.93 -22.41
N PRO A 4 29.69 -1.49 -21.15
CA PRO A 4 28.53 -1.23 -20.26
C PRO A 4 27.50 -0.29 -20.87
N ASN A 5 27.92 0.70 -21.67
CA ASN A 5 26.92 1.60 -22.24
C ASN A 5 26.00 0.97 -23.30
N GLU A 6 26.61 0.14 -24.16
CA GLU A 6 25.84 -0.66 -25.10
C GLU A 6 25.06 -1.84 -24.49
N ILE A 7 25.60 -2.48 -23.46
CA ILE A 7 24.80 -3.40 -22.68
C ILE A 7 23.59 -2.70 -22.08
N TYR A 8 23.79 -1.47 -21.58
CA TYR A 8 22.66 -0.80 -20.98
C TYR A 8 21.61 -0.47 -22.00
N ALA A 9 22.03 0.06 -23.14
CA ALA A 9 21.10 0.33 -24.23
C ALA A 9 20.41 -0.93 -24.65
N THR A 10 21.15 -2.04 -24.75
CA THR A 10 20.50 -3.29 -25.04
C THR A 10 19.42 -3.72 -24.04
N ALA A 11 19.74 -3.61 -22.75
CA ALA A 11 18.78 -3.98 -21.68
C ALA A 11 17.52 -3.12 -21.76
N GLN A 12 17.71 -1.83 -22.11
CA GLN A 12 16.58 -0.91 -22.19
C GLN A 12 15.63 -1.37 -23.32
N GLN A 13 16.22 -1.87 -24.42
CA GLN A 13 15.35 -2.32 -25.49
C GLN A 13 14.62 -3.57 -25.09
N LYS A 14 15.31 -4.44 -24.31
CA LYS A 14 14.70 -5.71 -23.87
C LYS A 14 13.54 -5.41 -22.96
N LEU A 15 13.73 -4.41 -22.13
CA LEU A 15 12.63 -3.96 -21.20
C LEU A 15 11.44 -3.41 -22.05
N GLN A 16 11.76 -2.66 -23.10
CA GLN A 16 10.70 -2.12 -23.94
C GLN A 16 9.91 -3.22 -24.69
N ASP A 17 10.63 -4.26 -25.13
CA ASP A 17 10.01 -5.48 -25.68
C ASP A 17 9.24 -6.30 -24.66
N GLY A 18 9.51 -6.11 -23.37
CA GLY A 18 8.87 -6.95 -22.41
C GLY A 18 9.61 -8.25 -22.28
N ASN A 19 10.90 -8.24 -22.69
CA ASN A 19 11.74 -9.45 -22.53
C ASN A 19 12.39 -9.35 -21.15
N TRP A 20 11.57 -9.60 -20.12
CA TRP A 20 12.02 -9.41 -18.76
C TRP A 20 13.22 -10.28 -18.42
N ARG A 21 13.20 -11.54 -18.83
CA ARG A 21 14.27 -12.39 -18.47
C ARG A 21 15.61 -11.89 -18.93
N GLN A 22 15.73 -11.55 -20.24
CA GLN A 22 17.04 -11.04 -20.76
C GLN A 22 17.42 -9.71 -20.19
N ALA A 23 16.43 -8.84 -19.98
CA ALA A 23 16.73 -7.55 -19.42
C ALA A 23 17.30 -7.75 -17.96
N ILE A 24 16.70 -8.66 -17.18
CA ILE A 24 17.19 -8.96 -15.80
C ILE A 24 18.62 -9.47 -15.87
N THR A 25 18.90 -10.35 -16.83
CA THR A 25 20.26 -10.83 -16.92
C THR A 25 21.28 -9.75 -17.10
N GLN A 26 21.06 -8.93 -18.13
CA GLN A 26 22.02 -7.89 -18.45
C GLN A 26 22.10 -6.83 -17.36
N LEU A 27 20.96 -6.47 -16.79
CA LEU A 27 20.97 -5.48 -15.67
C LEU A 27 21.71 -6.05 -14.42
N GLU A 28 21.47 -7.30 -14.08
CA GLU A 28 22.18 -7.91 -12.91
C GLU A 28 23.70 -7.91 -13.11
N ALA A 29 24.14 -8.22 -14.32
CA ALA A 29 25.57 -8.25 -14.64
C ALA A 29 26.17 -6.84 -14.52
N LEU A 30 25.43 -5.82 -14.92
CA LEU A 30 25.90 -4.46 -14.72
C LEU A 30 25.95 -4.10 -13.22
N ASP A 31 24.92 -4.52 -12.50
CA ASP A 31 24.87 -4.16 -11.08
C ASP A 31 25.96 -4.91 -10.31
N ASN A 32 26.25 -6.15 -10.73
CA ASN A 32 27.47 -6.94 -10.23
CA ASN A 32 27.26 -6.83 -10.02
C ASN A 32 28.70 -6.21 -10.36
N ARG A 33 28.92 -5.75 -11.59
CA ARG A 33 30.21 -5.17 -11.97
C ARG A 33 30.42 -3.73 -11.37
N TYR A 34 29.38 -2.91 -11.41
CA TYR A 34 29.52 -1.55 -10.90
C TYR A 34 28.41 -1.28 -9.89
N PRO A 35 28.54 -1.88 -8.71
CA PRO A 35 27.36 -1.71 -7.83
C PRO A 35 27.23 -0.34 -7.18
N PHE A 36 28.28 0.45 -7.18
CA PHE A 36 28.21 1.84 -6.70
C PHE A 36 28.77 2.77 -7.75
N GLY A 37 28.52 2.42 -9.02
CA GLY A 37 28.89 3.26 -10.16
C GLY A 37 27.95 4.46 -10.37
N PRO A 38 28.36 5.40 -11.24
CA PRO A 38 27.54 6.61 -11.54
C PRO A 38 26.15 6.26 -12.04
N TYR A 39 26.03 5.09 -12.67
CA TYR A 39 24.70 4.68 -13.25
C TYR A 39 23.98 3.62 -12.44
N SER A 40 24.50 3.31 -11.27
CA SER A 40 23.98 2.18 -10.53
C SER A 40 22.54 2.42 -10.10
N GLN A 41 22.18 3.69 -9.78
CA GLN A 41 20.78 3.87 -9.36
C GLN A 41 19.83 3.64 -10.54
N GLN A 42 20.27 4.08 -11.72
CA GLN A 42 19.50 3.79 -12.93
C GLN A 42 19.26 2.28 -13.15
N VAL A 43 20.36 1.51 -13.07
CA VAL A 43 20.28 0.07 -13.23
C VAL A 43 19.33 -0.50 -12.16
N GLN A 44 19.47 -0.04 -10.90
CA GLN A 44 18.64 -0.65 -9.87
C GLN A 44 17.14 -0.30 -10.10
N LEU A 45 16.83 0.91 -10.58
CA LEU A 45 15.43 1.25 -10.77
C LEU A 45 14.84 0.36 -11.87
N ASP A 46 15.66 0.13 -12.92
CA ASP A 46 15.17 -0.72 -13.98
C ASP A 46 15.06 -2.13 -13.51
N LEU A 47 15.99 -2.58 -12.63
CA LEU A 47 15.83 -3.96 -12.13
C LEU A 47 14.61 -4.14 -11.28
N ILE A 48 14.29 -3.11 -10.45
CA ILE A 48 13.03 -3.12 -9.63
C ILE A 48 11.82 -3.40 -10.54
N TYR A 49 11.81 -2.66 -11.62
CA TYR A 49 10.70 -2.76 -12.57
C TYR A 49 10.66 -4.10 -13.24
N ALA A 50 11.81 -4.56 -13.71
CA ALA A 50 11.85 -5.82 -14.41
C ALA A 50 11.48 -7.03 -13.52
N TYR A 51 11.91 -7.02 -12.24
CA TYR A 51 11.54 -8.10 -11.34
C TYR A 51 10.02 -8.08 -11.10
N TYR A 52 9.46 -6.86 -10.96
CA TYR A 52 8.01 -6.76 -10.75
C TYR A 52 7.25 -7.29 -11.94
N LYS A 53 7.66 -6.87 -13.14
CA LYS A 53 6.91 -7.27 -14.35
C LYS A 53 7.10 -8.77 -14.60
N ASN A 54 8.24 -9.34 -14.20
CA ASN A 54 8.52 -10.78 -14.35
C ASN A 54 7.89 -11.65 -13.26
N ALA A 55 7.17 -11.02 -12.36
CA ALA A 55 6.57 -11.66 -11.18
C ALA A 55 7.60 -12.28 -10.25
N ASP A 56 8.82 -11.73 -10.23
CA ASP A 56 9.84 -12.05 -9.19
C ASP A 56 9.62 -11.13 -8.01
N LEU A 57 8.55 -11.34 -7.24
CA LEU A 57 8.12 -10.30 -6.32
C LEU A 57 9.06 -10.21 -5.12
N PRO A 58 9.53 -11.33 -4.60
CA PRO A 58 10.49 -11.18 -3.46
C PRO A 58 11.73 -10.49 -3.94
N LEU A 59 12.20 -10.76 -5.17
CA LEU A 59 13.40 -10.00 -5.59
C LEU A 59 13.10 -8.54 -5.78
N ALA A 60 11.92 -8.22 -6.33
CA ALA A 60 11.54 -6.78 -6.42
C ALA A 60 11.51 -6.16 -5.04
N GLN A 61 10.82 -6.81 -4.08
CA GLN A 61 10.75 -6.23 -2.76
C GLN A 61 12.11 -5.95 -2.07
N ALA A 62 13.03 -6.90 -2.20
CA ALA A 62 14.37 -6.73 -1.64
C ALA A 62 15.13 -5.62 -2.33
N ALA A 63 15.01 -5.55 -3.66
CA ALA A 63 15.72 -4.53 -4.39
C ALA A 63 15.14 -3.12 -4.00
N ILE A 64 13.82 -3.03 -3.83
CA ILE A 64 13.21 -1.73 -3.35
C ILE A 64 13.72 -1.34 -1.95
N ASP A 65 13.77 -2.29 -1.06
CA ASP A 65 14.23 -2.00 0.29
C ASP A 65 15.68 -1.54 0.33
N ARG A 66 16.50 -2.15 -0.53
CA ARG A 66 17.88 -1.77 -0.55
C ARG A 66 18.05 -0.39 -1.15
N PHE A 67 17.27 -0.06 -2.18
CA PHE A 67 17.34 1.28 -2.84
C PHE A 67 16.93 2.37 -1.82
N ILE A 68 15.87 2.10 -1.05
CA ILE A 68 15.32 3.07 -0.10
C ILE A 68 16.33 3.29 1.00
N ARG A 69 16.95 2.19 1.48
CA ARG A 69 17.97 2.31 2.57
C ARG A 69 19.16 3.11 2.09
N LEU A 70 19.61 2.81 0.88
CA LEU A 70 20.85 3.41 0.37
C LEU A 70 20.67 4.80 -0.23
N ASN A 71 19.46 5.15 -0.64
CA ASN A 71 19.16 6.40 -1.30
C ASN A 71 17.86 6.98 -0.76
N PRO A 72 17.79 7.27 0.57
CA PRO A 72 16.53 7.64 1.20
C PRO A 72 15.95 8.93 0.65
N THR A 73 16.81 9.82 0.15
CA THR A 73 16.28 11.05 -0.38
C THR A 73 16.31 11.24 -1.90
N HIS A 74 16.41 10.16 -2.65
CA HIS A 74 16.53 10.19 -4.09
C HIS A 74 15.35 10.87 -4.82
N PRO A 75 15.60 11.61 -5.92
CA PRO A 75 14.47 12.26 -6.64
C PRO A 75 13.40 11.28 -7.12
N ASN A 76 13.71 9.99 -7.26
CA ASN A 76 12.71 9.07 -7.80
C ASN A 76 12.15 8.18 -6.71
N ILE A 77 12.35 8.56 -5.46
CA ILE A 77 11.80 7.77 -4.37
C ILE A 77 10.27 7.58 -4.45
N ASP A 78 9.60 8.56 -5.01
CA ASP A 78 8.16 8.47 -5.16
C ASP A 78 7.83 7.23 -6.01
N TYR A 79 8.58 7.03 -7.06
CA TYR A 79 8.34 5.93 -7.91
C TYR A 79 8.72 4.61 -7.23
N VAL A 80 9.82 4.60 -6.47
CA VAL A 80 10.17 3.38 -5.78
C VAL A 80 9.10 3.01 -4.77
N MET A 81 8.54 4.00 -4.09
CA MET A 81 7.46 3.55 -3.15
CA MET A 81 7.35 3.89 -3.21
C MET A 81 6.19 3.24 -3.90
N TYR A 82 5.91 3.78 -5.07
CA TYR A 82 4.79 3.26 -5.84
C TYR A 82 5.00 1.76 -6.16
N MET A 83 6.22 1.45 -6.61
CA MET A 83 6.54 0.08 -6.94
C MET A 83 6.47 -0.77 -5.72
N ARG A 84 6.80 -0.26 -4.53
CA ARG A 84 6.73 -1.14 -3.35
C ARG A 84 5.24 -1.49 -3.07
N GLY A 85 4.38 -0.50 -3.22
CA GLY A 85 2.94 -0.76 -3.12
C GLY A 85 2.47 -1.77 -4.17
N LEU A 86 2.85 -1.60 -5.43
CA LEU A 86 2.41 -2.52 -6.45
C LEU A 86 2.87 -3.97 -6.13
N THR A 87 4.15 -4.11 -5.72
CA THR A 87 4.70 -5.45 -5.40
C THR A 87 3.94 -6.13 -4.23
N ASN A 88 3.72 -5.37 -3.14
CA ASN A 88 2.98 -5.91 -2.00
C ASN A 88 1.56 -6.20 -2.37
N MET A 89 0.98 -5.35 -3.20
CA MET A 89 -0.40 -5.60 -3.67
C MET A 89 -0.46 -6.85 -4.55
N ALA A 90 0.55 -7.11 -5.34
CA ALA A 90 0.63 -8.32 -6.18
C ALA A 90 0.83 -9.55 -5.27
N LEU A 91 1.50 -9.35 -4.13
CA LEU A 91 1.78 -10.50 -3.27
C LEU A 91 0.49 -10.88 -2.58
N ASP A 92 -0.40 -9.89 -2.38
CA ASP A 92 -1.74 -10.14 -1.86
C ASP A 92 -2.68 -10.74 -2.91
N ASP A 93 -2.39 -10.49 -4.18
CA ASP A 93 -3.23 -10.82 -5.36
C ASP A 93 -4.17 -9.67 -5.78
N ASP A 108 -4.95 -13.22 6.85
CA ASP A 108 -3.59 -13.18 6.26
C ASP A 108 -3.51 -11.93 5.42
N PRO A 109 -3.95 -10.79 5.98
CA PRO A 109 -3.86 -9.61 5.13
C PRO A 109 -2.49 -8.93 5.17
N GLN A 110 -1.46 -9.58 5.68
CA GLN A 110 -0.12 -8.97 5.77
C GLN A 110 0.32 -8.16 4.50
N GLN A 111 0.16 -8.71 3.31
CA GLN A 111 0.67 -8.03 2.07
C GLN A 111 -0.19 -6.79 1.75
N ALA A 112 -1.49 -6.93 1.99
CA ALA A 112 -2.40 -5.78 1.81
C ALA A 112 -2.07 -4.65 2.78
N ARG A 113 -1.78 -4.99 4.04
CA ARG A 113 -1.33 -3.98 5.00
C ARG A 113 -0.04 -3.29 4.58
N ALA A 114 0.93 -4.08 4.10
CA ALA A 114 2.15 -3.51 3.55
C ALA A 114 1.84 -2.60 2.36
N ALA A 115 0.96 -2.99 1.43
CA ALA A 115 0.65 -2.11 0.28
C ALA A 115 -0.04 -0.84 0.74
N PHE A 116 -0.95 -0.96 1.71
CA PHE A 116 -1.66 0.22 2.20
C PHE A 116 -0.66 1.22 2.78
N SER A 117 0.27 0.70 3.58
CA SER A 117 1.28 1.54 4.16
C SER A 117 2.13 2.17 3.07
N ASP A 118 2.57 1.37 2.07
CA ASP A 118 3.41 1.92 1.00
C ASP A 118 2.76 3.09 0.29
N PHE A 119 1.52 2.86 -0.17
CA PHE A 119 0.78 3.86 -0.96
C PHE A 119 0.36 5.05 -0.15
N SER A 120 -0.09 4.80 1.07
CA SER A 120 -0.40 5.93 1.96
C SER A 120 0.92 6.75 2.25
N LYS A 121 2.05 6.06 2.43
CA LYS A 121 3.35 6.78 2.60
C LYS A 121 3.69 7.60 1.36
N LEU A 122 3.44 7.08 0.15
CA LEU A 122 3.60 7.78 -1.14
C LEU A 122 2.71 9.05 -1.20
N VAL A 123 1.42 8.92 -0.91
CA VAL A 123 0.46 10.03 -1.05
C VAL A 123 0.72 11.15 -0.05
N ARG A 124 1.11 10.72 1.15
CA ARG A 124 1.74 11.62 2.07
C ARG A 124 3.29 11.55 1.96
N GLY A 125 3.80 11.91 0.79
CA GLY A 125 5.15 12.39 0.74
C GLY A 125 5.22 13.24 -0.51
N TYR A 126 4.43 12.85 -1.49
CA TYR A 126 4.59 13.39 -2.84
C TYR A 126 3.21 13.55 -3.32
N PRO A 127 2.44 14.46 -2.68
CA PRO A 127 1.06 14.55 -3.14
C PRO A 127 0.99 14.98 -4.63
N ASN A 128 2.11 15.42 -5.19
CA ASN A 128 2.18 15.82 -6.60
C ASN A 128 2.90 14.84 -7.59
N SER A 129 3.19 13.64 -7.12
CA SER A 129 3.82 12.60 -7.94
C SER A 129 2.93 12.18 -9.11
N GLN A 130 3.55 11.83 -10.22
CA GLN A 130 2.80 11.21 -11.32
C GLN A 130 2.04 9.93 -10.91
N TYR A 131 2.49 9.28 -9.83
CA TYR A 131 1.91 7.99 -9.40
C TYR A 131 0.78 8.13 -8.40
N THR A 132 0.57 9.36 -7.90
CA THR A 132 -0.55 9.86 -7.07
CA THR A 132 -0.38 9.44 -6.79
C THR A 132 -1.90 9.20 -7.22
N THR A 133 -2.31 9.38 -8.48
CA THR A 133 -3.68 9.07 -8.88
C THR A 133 -3.97 7.56 -8.87
N ASP A 134 -3.08 6.77 -9.47
CA ASP A 134 -3.14 5.31 -9.34
C ASP A 134 -2.96 4.80 -7.90
N ALA A 135 -2.06 5.39 -7.09
CA ALA A 135 -1.98 4.98 -5.70
C ALA A 135 -3.28 5.24 -4.93
N THR A 136 -3.95 6.37 -5.21
CA THR A 136 -5.18 6.68 -4.50
C THR A 136 -6.29 5.69 -4.92
N LYS A 137 -6.28 5.30 -6.21
CA LYS A 137 -7.23 4.30 -6.68
C LYS A 137 -7.01 2.97 -6.01
N ARG A 138 -5.76 2.57 -5.87
CA ARG A 138 -5.48 1.29 -5.26
C ARG A 138 -5.80 1.30 -3.77
N LEU A 139 -5.61 2.45 -3.11
CA LEU A 139 -5.92 2.61 -1.71
C LEU A 139 -7.41 2.37 -1.45
N VAL A 140 -8.28 2.70 -2.36
CA VAL A 140 -9.71 2.38 -2.16
C VAL A 140 -9.93 0.88 -2.01
N PHE A 141 -9.27 0.12 -2.90
CA PHE A 141 -9.41 -1.30 -2.83
C PHE A 141 -8.77 -1.87 -1.61
N LEU A 142 -7.59 -1.35 -1.25
CA LEU A 142 -6.90 -1.87 -0.08
C LEU A 142 -7.71 -1.65 1.21
N LYS A 143 -8.25 -0.45 1.34
CA LYS A 143 -8.99 -0.06 2.58
C LYS A 143 -10.20 -0.96 2.67
N ASP A 144 -10.83 -1.26 1.53
CA ASP A 144 -11.98 -2.17 1.48
C ASP A 144 -11.57 -3.56 2.00
N ARG A 145 -10.47 -4.07 1.48
CA ARG A 145 -9.91 -5.38 1.86
C ARG A 145 -9.57 -5.50 3.33
N LEU A 146 -8.81 -4.53 3.84
CA LEU A 146 -8.39 -4.52 5.24
C LEU A 146 -9.57 -4.31 6.18
N ALA A 147 -10.51 -3.43 5.82
CA ALA A 147 -11.70 -3.28 6.67
C ALA A 147 -12.55 -4.57 6.73
N LYS A 148 -12.79 -5.24 5.59
CA LYS A 148 -13.44 -6.55 5.60
C LYS A 148 -12.80 -7.57 6.57
N TYR A 149 -11.47 -7.55 6.64
CA TYR A 149 -10.76 -8.48 7.47
C TYR A 149 -11.05 -8.07 8.90
N GLU A 150 -10.88 -6.80 9.22
CA GLU A 150 -11.13 -6.31 10.61
C GLU A 150 -12.58 -6.57 11.04
N TYR A 151 -13.53 -6.35 10.11
CA TYR A 151 -14.96 -6.70 10.39
C TYR A 151 -15.13 -8.20 10.76
N SER A 152 -14.47 -9.08 10.05
CA SER A 152 -14.58 -10.52 10.33
C SER A 152 -14.07 -10.75 11.76
N VAL A 153 -13.01 -10.05 12.13
CA VAL A 153 -12.42 -10.20 13.46
C VAL A 153 -13.39 -9.68 14.53
N ALA A 154 -13.98 -8.50 14.31
CA ALA A 154 -14.99 -7.93 15.22
C ALA A 154 -16.19 -8.85 15.39
N GLU A 155 -16.60 -9.50 14.31
CA GLU A 155 -17.69 -10.50 14.39
C GLU A 155 -17.35 -11.70 15.23
N TYR A 156 -16.18 -12.26 14.98
CA TYR A 156 -15.65 -13.33 15.81
C TYR A 156 -15.62 -12.96 17.31
N TYR A 157 -15.18 -11.75 17.63
CA TYR A 157 -15.15 -11.25 19.02
C TYR A 157 -16.54 -11.09 19.60
N THR A 158 -17.49 -10.72 18.73
CA THR A 158 -18.89 -10.64 19.11
C THR A 158 -19.42 -12.03 19.49
N GLU A 159 -19.09 -13.00 18.65
CA GLU A 159 -19.50 -14.38 18.90
C GLU A 159 -19.02 -14.83 20.31
N ARG A 160 -17.89 -14.28 20.76
CA ARG A 160 -17.23 -14.64 22.03
C ARG A 160 -17.68 -13.81 23.21
N GLY A 161 -18.35 -12.69 22.94
CA GLY A 161 -18.72 -11.69 23.95
C GLY A 161 -17.52 -10.97 24.53
N ALA A 162 -16.49 -10.77 23.70
CA ALA A 162 -15.22 -10.13 24.07
C ALA A 162 -15.40 -8.67 23.75
N TRP A 163 -16.27 -7.99 24.51
CA TRP A 163 -16.77 -6.65 24.12
C TRP A 163 -15.64 -5.63 24.00
N VAL A 164 -14.67 -5.72 24.89
CA VAL A 164 -13.58 -4.74 24.75
C VAL A 164 -12.81 -4.95 23.44
N ALA A 165 -12.48 -6.22 23.10
CA ALA A 165 -11.82 -6.47 21.80
C ALA A 165 -12.64 -6.02 20.60
N VAL A 166 -13.98 -6.21 20.66
CA VAL A 166 -14.85 -5.67 19.58
C VAL A 166 -14.65 -4.15 19.45
N VAL A 167 -14.74 -3.42 20.57
CA VAL A 167 -14.67 -1.95 20.50
C VAL A 167 -13.29 -1.54 19.94
N ASN A 168 -12.23 -2.23 20.38
CA ASN A 168 -10.88 -1.94 19.83
C ASN A 168 -10.77 -2.12 18.32
N ARG A 169 -11.37 -3.20 17.82
CA ARG A 169 -11.23 -3.49 16.39
C ARG A 169 -12.02 -2.45 15.60
N VAL A 170 -13.24 -2.15 16.06
CA VAL A 170 -14.08 -1.24 15.29
C VAL A 170 -13.54 0.19 15.32
N GLU A 171 -12.94 0.58 16.43
CA GLU A 171 -12.51 1.98 16.49
C GLU A 171 -11.32 2.11 15.58
N GLY A 172 -10.60 1.00 15.39
CA GLY A 172 -9.49 1.01 14.45
C GLY A 172 -9.93 1.10 13.01
N MET A 173 -11.05 0.43 12.74
CA MET A 173 -11.63 0.55 11.45
C MET A 173 -12.12 1.99 11.21
N LEU A 174 -12.77 2.59 12.22
CA LEU A 174 -13.34 3.95 12.08
C LEU A 174 -12.24 4.98 11.96
N ARG A 175 -11.19 4.81 12.77
CA ARG A 175 -10.04 5.69 12.65
C ARG A 175 -9.35 5.58 11.27
N ASP A 176 -9.07 4.35 10.78
CA ASP A 176 -8.26 4.11 9.57
C ASP A 176 -8.95 3.87 8.21
N TYR A 177 -10.17 3.33 8.23
CA TYR A 177 -10.89 2.97 7.04
C TYR A 177 -12.32 3.53 7.18
N PRO A 178 -12.47 4.84 7.51
CA PRO A 178 -13.80 5.31 7.91
C PRO A 178 -14.85 5.20 6.83
N ASP A 179 -14.47 5.20 5.54
CA ASP A 179 -15.59 5.33 4.58
C ASP A 179 -15.98 4.04 3.86
N THR A 180 -15.49 2.92 4.37
CA THR A 180 -15.62 1.64 3.67
C THR A 180 -16.99 1.01 4.07
N GLN A 181 -17.46 0.10 3.22
CA GLN A 181 -18.64 -0.75 3.51
C GLN A 181 -18.50 -1.57 4.83
N ALA A 182 -17.33 -2.17 5.05
CA ALA A 182 -17.08 -2.90 6.28
C ALA A 182 -17.18 -2.08 7.54
N THR A 183 -16.66 -0.85 7.58
CA THR A 183 -16.77 0.01 8.76
C THR A 183 -18.28 0.35 8.96
N ARG A 184 -19.02 0.55 7.86
CA ARG A 184 -20.48 0.72 7.91
C ARG A 184 -21.14 -0.46 8.61
N ASP A 185 -20.87 -1.67 8.11
CA ASP A 185 -21.39 -2.92 8.67
C ASP A 185 -20.95 -3.16 10.14
N ALA A 186 -19.74 -2.72 10.48
CA ALA A 186 -19.25 -2.93 11.83
C ALA A 186 -19.69 -1.91 12.88
N LEU A 187 -20.16 -0.72 12.52
CA LEU A 187 -20.53 0.19 13.58
C LEU A 187 -21.59 -0.40 14.57
N PRO A 188 -22.61 -1.10 14.09
CA PRO A 188 -23.56 -1.64 15.10
C PRO A 188 -22.94 -2.68 16.08
N LEU A 189 -21.85 -3.33 15.68
CA LEU A 189 -21.15 -4.28 16.60
C LEU A 189 -20.57 -3.48 17.71
N MET A 190 -20.07 -2.30 17.38
CA MET A 190 -19.42 -1.48 18.39
C MET A 190 -20.46 -0.85 19.31
N GLU A 191 -21.57 -0.40 18.73
CA GLU A 191 -22.64 0.19 19.58
C GLU A 191 -23.12 -0.92 20.54
N ASN A 192 -23.35 -2.10 19.99
CA ASN A 192 -23.70 -3.25 20.82
C ASN A 192 -22.68 -3.60 21.93
N ALA A 193 -21.39 -3.56 21.64
CA ALA A 193 -20.42 -3.99 22.57
C ALA A 193 -20.41 -3.01 23.75
N TYR A 194 -20.54 -1.71 23.48
CA TYR A 194 -20.61 -0.73 24.55
C TYR A 194 -21.90 -1.02 25.35
N ARG A 195 -23.04 -1.16 24.66
CA ARG A 195 -24.27 -1.43 25.44
C ARG A 195 -24.17 -2.64 26.35
N GLN A 196 -23.43 -3.67 25.91
CA GLN A 196 -23.30 -4.89 26.66
C GLN A 196 -22.52 -4.60 27.92
N MET A 197 -21.64 -3.61 27.84
CA MET A 197 -20.87 -3.11 28.97
C MET A 197 -21.54 -1.98 29.85
N GLN A 198 -22.82 -1.72 29.56
CA GLN A 198 -23.61 -0.57 30.09
C GLN A 198 -22.99 0.79 29.89
N MET A 199 -22.27 0.93 28.80
CA MET A 199 -21.53 2.14 28.58
C MET A 199 -22.30 3.14 27.71
N ASN A 200 -23.24 3.84 28.36
CA ASN A 200 -24.22 4.66 27.63
C ASN A 200 -23.67 5.88 26.87
N ALA A 201 -22.73 6.64 27.45
CA ALA A 201 -22.23 7.83 26.75
C ALA A 201 -21.58 7.35 25.46
N GLN A 202 -20.78 6.29 25.60
CA GLN A 202 -20.07 5.73 24.47
C GLN A 202 -20.99 5.16 23.40
N ALA A 203 -21.94 4.36 23.82
CA ALA A 203 -22.92 3.79 22.92
C ALA A 203 -23.74 4.87 22.15
N GLU A 204 -24.13 5.95 22.84
CA GLU A 204 -24.89 6.99 22.19
C GLU A 204 -24.04 7.70 21.13
N LYS A 205 -22.73 7.81 21.37
CA LYS A 205 -21.81 8.39 20.42
C LYS A 205 -21.81 7.60 19.13
N VAL A 206 -21.67 6.27 19.23
CA VAL A 206 -21.68 5.43 18.05
C VAL A 206 -23.01 5.57 17.30
N ALA A 207 -24.13 5.60 18.04
CA ALA A 207 -25.43 5.80 17.41
C ALA A 207 -25.44 7.11 16.59
N LYS A 208 -24.75 8.12 17.12
CA LYS A 208 -24.61 9.40 16.37
C LYS A 208 -23.79 9.20 15.07
N ILE A 209 -22.64 8.54 15.22
CA ILE A 209 -21.77 8.23 14.09
C ILE A 209 -22.54 7.51 13.00
N ILE A 210 -23.30 6.49 13.38
CA ILE A 210 -24.11 5.75 12.40
C ILE A 210 -25.12 6.63 11.71
N ALA A 211 -25.87 7.44 12.44
CA ALA A 211 -26.96 8.15 11.76
C ALA A 211 -26.37 9.08 10.67
N ALA A 212 -25.15 9.61 10.94
CA ALA A 212 -24.53 10.66 10.13
C ALA A 212 -23.57 10.16 9.00
N ASN A 213 -23.25 8.90 8.95
CA ASN A 213 -22.30 8.57 7.89
C ASN A 213 -22.93 8.37 6.51
N SER A 214 -22.91 9.43 5.71
CA SER A 214 -23.50 9.39 4.37
C SER A 214 -22.74 8.45 3.50
N SER A 215 -23.41 7.92 2.48
CA SER A 215 -22.72 7.18 1.43
C SER A 215 -21.99 8.13 0.48
N ASN A 216 -22.18 9.43 0.67
CA ASN A 216 -21.53 10.44 -0.16
C ASN A 216 -20.09 10.56 0.30
N THR A 217 -19.15 9.98 -0.41
CA THR A 217 -17.72 10.14 -0.11
C THR A 217 -17.13 11.49 -0.65
N LEU A 218 -16.40 12.22 0.22
CA LEU A 218 -15.89 13.60 -0.14
C LEU A 218 -14.59 13.57 -0.96
N GLU A 219 -14.42 14.53 -1.87
CA GLU A 219 -13.25 14.55 -2.77
C GLU A 219 -12.42 15.81 -2.55
N HIS A 220 -11.11 15.66 -2.54
CA HIS A 220 -10.22 16.78 -2.25
C HIS A 220 -8.97 16.61 -3.08
N HIS A 221 -9.07 15.90 -4.20
CA HIS A 221 -7.94 15.83 -5.15
C HIS A 221 -7.57 17.14 -5.81
N HIS A 222 -8.54 18.04 -5.92
CA HIS A 222 -8.36 19.36 -6.45
C HIS A 222 -7.76 20.34 -5.40
N HIS A 223 -7.47 19.88 -4.19
CA HIS A 223 -6.86 20.79 -3.18
C HIS A 223 -5.37 20.54 -3.18
N HIS A 224 -4.54 21.56 -3.17
CA HIS A 224 -3.04 21.50 -3.08
CA HIS A 224 -3.16 21.16 -2.92
C HIS A 224 -2.41 22.00 -1.80
N HIS A 225 -1.61 21.23 -1.10
CA HIS A 225 -0.81 21.69 0.04
C HIS A 225 0.69 21.46 -0.17
C URE B . -8.16 -6.60 20.16
O URE B . -7.45 -7.50 19.69
N1 URE B . -7.97 -6.11 21.39
N2 URE B . -9.16 -6.12 19.43
#